data_7O3O
#
_entry.id   7O3O
#
_cell.length_a   52.315
_cell.length_b   69.954
_cell.length_c   83.816
_cell.angle_alpha   90.000
_cell.angle_beta   90.000
_cell.angle_gamma   90.000
#
_symmetry.space_group_name_H-M   'P 21 21 21'
#
loop_
_entity.id
_entity.type
_entity.pdbx_description
1 polymer 'Haloalkane dehalogenase'
2 non-polymer ETHANOLAMINE
3 non-polymer 'CHLORIDE ION'
4 water water
#
_entity_poly.entity_id   1
_entity_poly.type   'polypeptide(L)'
_entity_poly.pdbx_seq_one_letter_code
;MSEIGTGFPFDPHYVEVLGERMHYVDVGPRDGTPVLFLHGNPTSSYLWRNIIPHVAPSHRCIAPDLIGMGKSDKPDLDYF
FDDHVRYLDAFIEALGLEEVVLVIHDWGSALGFHWAKRNPERVKGIACMEFIRPIPTWDEWPEFARELFQAFRTADVGRE
LIIDQNAFIEQVLPKFVVRPLTEVEMDHYREPFLKPVDREPLWRFPNELPIAGEPANIVALVEAYMNWLHQSPVPKLLFW
GTPGVLIPPAEAARLAESLPNCKTVDIGPGLHYLQEDNPDLIGSEIARWLPALHHHHHH
;
_entity_poly.pdbx_strand_id   A
#
loop_
_chem_comp.id
_chem_comp.type
_chem_comp.name
_chem_comp.formula
CL non-polymer 'CHLORIDE ION' 'Cl -1'
#
# COMPACT_ATOMS: atom_id res chain seq x y z
N ILE A 4 -0.06 -11.19 17.65
CA ILE A 4 -0.30 -10.00 16.77
CA ILE A 4 -0.36 -10.06 16.63
C ILE A 4 -1.75 -9.50 16.93
N GLY A 5 -1.82 -8.19 17.18
CA GLY A 5 -3.11 -7.64 17.59
C GLY A 5 -4.18 -7.68 16.50
N THR A 6 -5.41 -7.95 16.90
CA THR A 6 -6.50 -7.94 15.94
C THR A 6 -7.39 -6.70 16.02
N GLY A 7 -7.27 -5.91 17.11
CA GLY A 7 -8.11 -4.74 17.29
C GLY A 7 -7.61 -3.57 16.47
N PHE A 8 -8.45 -2.52 16.47
CA PHE A 8 -8.17 -1.29 15.74
C PHE A 8 -8.51 -0.12 16.69
N PRO A 9 -7.62 0.11 17.69
CA PRO A 9 -7.97 1.06 18.77
C PRO A 9 -7.62 2.51 18.41
N PHE A 10 -8.24 2.98 17.33
CA PHE A 10 -7.92 4.32 16.82
C PHE A 10 -9.22 5.09 16.62
N ASP A 11 -9.20 6.33 17.16
CA ASP A 11 -10.33 7.27 16.97
C ASP A 11 -10.46 7.56 15.48
N PRO A 12 -11.69 7.56 14.93
CA PRO A 12 -11.90 7.85 13.52
C PRO A 12 -11.80 9.34 13.24
N HIS A 13 -11.23 9.69 12.11
CA HIS A 13 -11.26 11.07 11.60
C HIS A 13 -11.77 11.03 10.18
N TYR A 14 -12.45 12.09 9.72
CA TYR A 14 -12.95 12.18 8.36
C TYR A 14 -12.67 13.56 7.83
N VAL A 15 -12.23 13.68 6.59
CA VAL A 15 -12.03 14.97 5.94
C VAL A 15 -12.71 14.90 4.59
N GLU A 16 -13.34 16.02 4.18
CA GLU A 16 -13.95 16.12 2.89
C GLU A 16 -12.91 16.35 1.79
N VAL A 17 -12.97 15.55 0.75
CA VAL A 17 -11.94 15.51 -0.30
C VAL A 17 -12.74 15.40 -1.62
N LEU A 18 -12.71 16.46 -2.46
CA LEU A 18 -13.37 16.41 -3.74
C LEU A 18 -14.84 16.04 -3.57
N GLY A 19 -15.49 16.51 -2.52
CA GLY A 19 -16.89 16.25 -2.33
CA GLY A 19 -16.89 16.25 -2.33
C GLY A 19 -17.21 14.95 -1.58
N GLU A 20 -16.19 14.12 -1.30
CA GLU A 20 -16.38 12.82 -0.68
CA GLU A 20 -16.38 12.81 -0.68
C GLU A 20 -15.66 12.77 0.68
N ARG A 21 -16.14 11.97 1.61
CA ARG A 21 -15.45 11.90 2.90
C ARG A 21 -14.43 10.74 2.84
N MET A 22 -13.21 11.06 3.34
CA MET A 22 -12.18 10.03 3.49
C MET A 22 -11.89 9.85 4.97
N HIS A 23 -11.86 8.59 5.41
CA HIS A 23 -11.49 8.21 6.74
C HIS A 23 -9.98 8.17 6.90
N TYR A 24 -9.44 8.52 8.08
CA TYR A 24 -8.04 8.35 8.33
C TYR A 24 -7.81 8.23 9.82
N VAL A 25 -6.75 7.49 10.20
CA VAL A 25 -6.14 7.51 11.51
C VAL A 25 -5.25 8.74 11.59
N ASP A 26 -5.27 9.39 12.77
CA ASP A 26 -4.38 10.50 13.04
CA ASP A 26 -4.37 10.50 13.03
C ASP A 26 -4.03 10.45 14.50
N VAL A 27 -2.84 9.98 14.84
CA VAL A 27 -2.38 9.84 16.21
CA VAL A 27 -2.37 9.80 16.20
C VAL A 27 -0.96 10.35 16.29
N GLY A 28 -0.47 10.58 17.51
CA GLY A 28 0.88 11.04 17.70
C GLY A 28 1.03 12.55 17.77
N PRO A 29 2.23 13.02 18.11
CA PRO A 29 2.44 14.45 18.43
C PRO A 29 2.40 15.28 17.15
N ARG A 30 1.84 16.48 17.28
CA ARG A 30 1.47 17.31 16.13
C ARG A 30 2.44 18.45 15.87
N ASP A 31 3.68 18.32 16.31
CA ASP A 31 4.54 19.45 16.05
C ASP A 31 5.74 19.10 15.19
N GLY A 32 5.71 18.03 14.36
CA GLY A 32 6.91 17.63 13.64
C GLY A 32 6.63 17.20 12.19
N THR A 33 7.49 16.37 11.59
CA THR A 33 7.21 15.81 10.23
C THR A 33 6.30 14.60 10.37
N PRO A 34 5.09 14.63 9.77
CA PRO A 34 4.18 13.48 9.93
C PRO A 34 4.65 12.31 9.03
N VAL A 35 4.19 11.15 9.46
CA VAL A 35 4.48 9.87 8.77
C VAL A 35 3.15 9.42 8.16
N LEU A 36 3.13 9.32 6.81
CA LEU A 36 1.89 9.05 6.08
C LEU A 36 1.97 7.59 5.57
N PHE A 37 1.03 6.79 6.03
CA PHE A 37 0.99 5.31 5.75
C PHE A 37 -0.03 5.09 4.68
N LEU A 38 0.38 4.45 3.55
CA LEU A 38 -0.52 4.26 2.40
C LEU A 38 -0.70 2.75 2.11
N HIS A 39 -1.87 2.22 2.36
CA HIS A 39 -2.21 0.83 2.04
C HIS A 39 -2.51 0.69 0.55
N GLY A 40 -2.73 -0.59 0.15
CA GLY A 40 -3.14 -0.92 -1.20
C GLY A 40 -4.31 -1.89 -1.21
N ASN A 41 -4.31 -2.80 -2.18
CA ASN A 41 -5.44 -3.68 -2.42
C ASN A 41 -5.33 -4.98 -1.61
N PRO A 42 -6.37 -5.52 -1.00
CA PRO A 42 -7.74 -4.96 -0.78
C PRO A 42 -7.85 -4.46 0.67
N THR A 43 -6.85 -3.72 1.14
CA THR A 43 -6.73 -3.46 2.57
C THR A 43 -7.24 -2.04 2.89
N SER A 44 -6.78 -1.54 4.04
CA SER A 44 -7.20 -0.19 4.53
C SER A 44 -6.15 0.16 5.55
N SER A 45 -6.40 1.26 6.31
CA SER A 45 -5.55 1.58 7.44
C SER A 45 -5.47 0.42 8.47
N TYR A 46 -6.46 -0.50 8.47
CA TYR A 46 -6.36 -1.67 9.36
C TYR A 46 -5.02 -2.44 9.18
N LEU A 47 -4.45 -2.41 7.95
CA LEU A 47 -3.18 -3.12 7.69
C LEU A 47 -2.03 -2.57 8.52
N TRP A 48 -2.12 -1.27 8.92
CA TRP A 48 -1.05 -0.62 9.65
C TRP A 48 -1.27 -0.66 11.16
N ARG A 49 -2.31 -1.34 11.63
CA ARG A 49 -2.72 -1.21 13.05
C ARG A 49 -1.65 -1.56 14.07
N ASN A 50 -0.77 -2.55 13.71
CA ASN A 50 0.24 -3.04 14.63
CA ASN A 50 0.22 -3.00 14.68
C ASN A 50 1.58 -2.37 14.42
N ILE A 51 1.69 -1.56 13.37
CA ILE A 51 2.94 -0.85 13.06
C ILE A 51 2.91 0.56 13.63
N ILE A 52 1.77 1.25 13.45
CA ILE A 52 1.58 2.62 13.95
C ILE A 52 1.96 2.73 15.44
N PRO A 53 1.62 1.81 16.35
CA PRO A 53 1.93 2.05 17.78
C PRO A 53 3.43 2.14 18.05
N HIS A 54 4.31 1.63 17.16
CA HIS A 54 5.73 1.75 17.32
CA HIS A 54 5.74 1.77 17.37
C HIS A 54 6.22 3.16 16.99
N VAL A 55 5.46 3.87 16.17
CA VAL A 55 5.88 5.13 15.58
C VAL A 55 5.18 6.32 16.32
N ALA A 56 3.92 6.12 16.70
CA ALA A 56 3.14 7.20 17.31
C ALA A 56 3.74 7.81 18.58
N PRO A 57 4.57 7.09 19.39
CA PRO A 57 5.15 7.78 20.57
C PRO A 57 5.97 8.98 20.14
N SER A 58 6.63 8.96 18.97
CA SER A 58 7.65 9.91 18.50
CA SER A 58 7.50 10.09 18.67
C SER A 58 7.15 10.83 17.39
N HIS A 59 6.20 10.33 16.57
CA HIS A 59 5.81 11.02 15.34
C HIS A 59 4.32 10.92 15.11
N ARG A 60 3.78 11.98 14.50
CA ARG A 60 2.40 11.92 14.03
C ARG A 60 2.30 10.83 12.95
N CYS A 61 1.27 10.01 13.03
CA CYS A 61 0.93 8.97 12.09
C CYS A 61 -0.41 9.29 11.47
N ILE A 62 -0.43 9.34 10.14
CA ILE A 62 -1.64 9.60 9.41
C ILE A 62 -1.83 8.42 8.45
N ALA A 63 -2.97 7.77 8.50
CA ALA A 63 -3.16 6.56 7.67
C ALA A 63 -4.56 6.67 7.06
N PRO A 64 -4.67 7.17 5.81
CA PRO A 64 -5.98 7.27 5.17
C PRO A 64 -6.46 5.93 4.62
N ASP A 65 -7.75 5.78 4.48
CA ASP A 65 -8.39 4.75 3.69
C ASP A 65 -8.59 5.32 2.30
N LEU A 66 -8.05 4.67 1.26
CA LEU A 66 -8.23 5.14 -0.10
C LEU A 66 -9.70 5.22 -0.42
N ILE A 67 -10.02 6.13 -1.38
CA ILE A 67 -11.40 6.29 -1.79
C ILE A 67 -11.97 4.92 -2.22
N GLY A 68 -13.24 4.68 -1.84
CA GLY A 68 -13.86 3.39 -2.17
C GLY A 68 -13.49 2.26 -1.23
N MET A 69 -12.61 2.50 -0.25
CA MET A 69 -12.06 1.42 0.56
C MET A 69 -12.15 1.79 2.04
N GLY A 70 -12.03 0.80 2.92
CA GLY A 70 -12.04 1.08 4.34
C GLY A 70 -13.35 1.73 4.74
N LYS A 71 -13.21 2.78 5.56
CA LYS A 71 -14.37 3.56 6.01
C LYS A 71 -14.55 4.78 5.13
N SER A 72 -13.80 4.97 4.05
CA SER A 72 -14.01 6.10 3.16
C SER A 72 -15.27 5.93 2.32
N ASP A 73 -15.81 7.06 1.84
CA ASP A 73 -16.98 7.02 0.97
C ASP A 73 -16.68 6.20 -0.30
N LYS A 74 -17.81 5.84 -0.97
CA LYS A 74 -17.82 4.95 -2.13
C LYS A 74 -18.49 5.61 -3.31
N PRO A 75 -17.91 6.61 -3.97
CA PRO A 75 -18.57 7.18 -5.19
C PRO A 75 -18.59 6.24 -6.40
N ASP A 76 -19.38 6.59 -7.41
CA ASP A 76 -19.86 5.66 -8.41
C ASP A 76 -18.87 5.81 -9.57
N LEU A 77 -17.61 5.46 -9.17
CA LEU A 77 -16.39 5.60 -10.00
C LEU A 77 -15.90 4.28 -10.64
N ASP A 78 -15.02 4.39 -11.68
CA ASP A 78 -14.40 3.14 -12.16
C ASP A 78 -13.16 2.78 -11.32
N TYR A 79 -12.66 3.68 -10.46
CA TYR A 79 -11.56 3.37 -9.56
C TYR A 79 -10.28 3.00 -10.31
N PHE A 80 -10.02 3.69 -11.42
CA PHE A 80 -8.72 3.65 -12.01
C PHE A 80 -7.66 4.19 -11.05
N PHE A 81 -6.39 3.84 -11.27
CA PHE A 81 -5.32 4.44 -10.52
C PHE A 81 -5.45 5.98 -10.53
N ASP A 82 -5.75 6.57 -11.68
CA ASP A 82 -5.77 8.03 -11.68
CA ASP A 82 -5.86 8.03 -11.79
C ASP A 82 -6.88 8.60 -10.79
N ASP A 83 -7.97 7.85 -10.53
CA ASP A 83 -8.97 8.31 -9.56
C ASP A 83 -8.34 8.36 -8.17
N HIS A 84 -7.60 7.28 -7.84
CA HIS A 84 -6.93 7.26 -6.52
C HIS A 84 -5.90 8.39 -6.41
N VAL A 85 -5.19 8.69 -7.50
CA VAL A 85 -4.23 9.79 -7.47
C VAL A 85 -4.94 11.09 -7.10
N ARG A 86 -6.06 11.39 -7.75
CA ARG A 86 -6.74 12.65 -7.50
C ARG A 86 -7.16 12.73 -6.05
N TYR A 87 -7.77 11.69 -5.49
CA TYR A 87 -8.28 11.74 -4.12
C TYR A 87 -7.15 11.81 -3.13
N LEU A 88 -6.08 11.04 -3.31
CA LEU A 88 -4.97 11.14 -2.34
C LEU A 88 -4.29 12.51 -2.41
N ASP A 89 -4.11 13.05 -3.63
CA ASP A 89 -3.52 14.38 -3.72
C ASP A 89 -4.37 15.39 -2.90
N ALA A 90 -5.69 15.31 -3.05
CA ALA A 90 -6.57 16.25 -2.39
C ALA A 90 -6.60 15.99 -0.91
N PHE A 91 -6.49 14.73 -0.48
CA PHE A 91 -6.45 14.39 0.94
C PHE A 91 -5.25 15.09 1.59
N ILE A 92 -4.07 14.94 0.98
CA ILE A 92 -2.86 15.49 1.56
C ILE A 92 -3.01 17.02 1.72
N GLU A 93 -3.51 17.68 0.64
CA GLU A 93 -3.70 19.15 0.73
C GLU A 93 -4.78 19.47 1.76
N ALA A 94 -5.85 18.69 1.90
CA ALA A 94 -6.91 19.01 2.82
C ALA A 94 -6.42 19.00 4.27
N LEU A 95 -5.40 18.19 4.58
CA LEU A 95 -4.78 18.17 5.87
C LEU A 95 -3.67 19.22 6.00
N GLY A 96 -3.37 19.96 4.93
CA GLY A 96 -2.37 21.02 5.04
C GLY A 96 -0.97 20.45 5.24
N LEU A 97 -0.73 19.21 4.79
CA LEU A 97 0.58 18.65 5.03
C LEU A 97 1.63 19.35 4.13
N GLU A 98 2.84 19.55 4.68
CA GLU A 98 3.94 20.15 3.92
C GLU A 98 4.93 19.04 3.57
N GLU A 99 5.89 18.83 4.45
CA GLU A 99 6.83 17.71 4.31
CA GLU A 99 6.80 17.69 4.27
C GLU A 99 6.28 16.49 5.02
N VAL A 100 6.60 15.31 4.47
CA VAL A 100 6.14 14.05 5.04
C VAL A 100 7.21 13.00 4.94
N VAL A 101 7.08 11.95 5.77
CA VAL A 101 7.76 10.65 5.54
C VAL A 101 6.69 9.70 5.05
N LEU A 102 7.02 8.94 3.97
CA LEU A 102 6.05 7.98 3.42
C LEU A 102 6.35 6.58 3.94
N VAL A 103 5.28 5.83 4.24
CA VAL A 103 5.40 4.39 4.57
C VAL A 103 4.37 3.72 3.68
N ILE A 104 4.86 2.90 2.70
CA ILE A 104 3.98 2.57 1.57
C ILE A 104 4.12 1.08 1.15
N HIS A 105 3.03 0.61 0.56
CA HIS A 105 2.90 -0.83 0.20
C HIS A 105 2.01 -0.93 -1.02
N ASP A 106 2.33 -1.80 -2.01
N ASP A 106 2.25 -1.89 -1.95
CA ASP A 106 1.41 -2.22 -3.07
CA ASP A 106 1.21 -2.29 -2.91
C ASP A 106 0.86 -0.98 -3.79
C ASP A 106 0.82 -1.05 -3.74
N TRP A 107 -0.45 -0.85 -4.02
CA TRP A 107 -0.91 0.34 -4.75
C TRP A 107 -0.66 1.63 -3.94
N GLY A 108 -0.54 1.55 -2.62
CA GLY A 108 -0.13 2.68 -1.83
C GLY A 108 1.26 3.10 -2.17
N SER A 109 2.13 2.15 -2.58
CA SER A 109 3.44 2.50 -3.05
C SER A 109 3.46 3.17 -4.43
N ALA A 110 2.61 2.73 -5.34
CA ALA A 110 2.51 3.42 -6.62
C ALA A 110 2.04 4.86 -6.37
N LEU A 111 1.02 5.03 -5.47
CA LEU A 111 0.55 6.39 -5.12
C LEU A 111 1.69 7.17 -4.45
N GLY A 112 2.37 6.59 -3.49
CA GLY A 112 3.36 7.33 -2.77
C GLY A 112 4.55 7.71 -3.63
N PHE A 113 5.09 6.78 -4.45
CA PHE A 113 6.20 7.10 -5.32
C PHE A 113 5.82 8.14 -6.37
N HIS A 114 4.60 8.02 -6.92
CA HIS A 114 4.14 9.00 -7.93
C HIS A 114 4.02 10.39 -7.29
N TRP A 115 3.52 10.44 -6.03
CA TRP A 115 3.43 11.73 -5.32
C TRP A 115 4.83 12.26 -5.06
N ALA A 116 5.76 11.42 -4.62
CA ALA A 116 7.13 11.84 -4.31
C ALA A 116 7.84 12.39 -5.55
N LYS A 117 7.65 11.71 -6.71
CA LYS A 117 8.26 12.18 -7.94
C LYS A 117 7.76 13.62 -8.21
N ARG A 118 6.46 13.87 -8.03
CA ARG A 118 5.86 15.15 -8.36
C ARG A 118 6.11 16.19 -7.29
N ASN A 119 6.50 15.78 -6.08
CA ASN A 119 6.66 16.68 -4.91
C ASN A 119 7.96 16.34 -4.18
N PRO A 120 9.10 16.32 -4.91
CA PRO A 120 10.29 15.70 -4.31
C PRO A 120 10.82 16.47 -3.09
N GLU A 121 10.61 17.78 -3.05
CA GLU A 121 11.15 18.52 -1.92
CA GLU A 121 11.10 18.59 -1.95
C GLU A 121 10.33 18.33 -0.65
N ARG A 122 9.17 17.67 -0.75
CA ARG A 122 8.27 17.46 0.40
C ARG A 122 8.44 16.05 1.00
N VAL A 123 9.27 15.19 0.40
CA VAL A 123 9.40 13.82 0.93
C VAL A 123 10.75 13.72 1.61
N LYS A 124 10.71 13.46 2.93
CA LYS A 124 11.94 13.41 3.74
C LYS A 124 12.48 11.98 3.90
N GLY A 125 11.66 10.97 3.61
CA GLY A 125 12.11 9.57 3.69
C GLY A 125 11.01 8.72 3.09
N ILE A 126 11.39 7.51 2.63
CA ILE A 126 10.41 6.56 2.17
C ILE A 126 10.75 5.19 2.75
N ALA A 127 9.82 4.66 3.56
CA ALA A 127 9.85 3.23 3.99
C ALA A 127 8.87 2.52 3.08
N CYS A 128 9.34 1.41 2.46
CA CYS A 128 8.51 0.73 1.46
C CYS A 128 8.68 -0.79 1.62
N MET A 129 7.71 -1.49 1.06
CA MET A 129 7.69 -2.95 1.21
C MET A 129 6.77 -3.44 0.14
N GLU A 130 7.17 -4.53 -0.59
CA GLU A 130 6.26 -5.18 -1.53
C GLU A 130 5.57 -4.10 -2.40
N PHE A 131 6.44 -3.32 -3.04
CA PHE A 131 6.02 -2.16 -3.82
C PHE A 131 5.94 -2.52 -5.29
N ILE A 132 5.27 -1.70 -6.11
CA ILE A 132 5.01 -1.95 -7.50
C ILE A 132 6.11 -1.40 -8.39
N ARG A 133 6.68 -2.30 -9.19
CA ARG A 133 7.59 -2.04 -10.32
C ARG A 133 6.96 -2.64 -11.57
N PRO A 134 7.42 -2.25 -12.79
CA PRO A 134 6.92 -2.91 -13.99
C PRO A 134 7.24 -4.41 -13.90
N ILE A 135 6.30 -5.24 -14.36
CA ILE A 135 6.50 -6.68 -14.36
C ILE A 135 6.63 -7.07 -15.84
N PRO A 136 7.82 -7.45 -16.31
CA PRO A 136 8.09 -7.59 -17.73
C PRO A 136 7.19 -8.66 -18.40
N THR A 137 7.03 -9.81 -17.71
CA THR A 137 6.24 -10.90 -18.28
C THR A 137 5.61 -11.65 -17.10
N TRP A 138 4.68 -12.52 -17.39
CA TRP A 138 4.08 -13.32 -16.36
C TRP A 138 5.10 -14.24 -15.65
N ASP A 139 6.23 -14.50 -16.27
CA ASP A 139 7.24 -15.36 -15.65
C ASP A 139 7.77 -14.72 -14.39
N GLU A 140 7.71 -13.36 -14.27
CA GLU A 140 8.16 -12.67 -13.07
C GLU A 140 7.08 -12.62 -12.00
N TRP A 141 5.88 -13.13 -12.24
CA TRP A 141 4.83 -13.22 -11.24
C TRP A 141 5.01 -14.62 -10.61
N PRO A 142 4.81 -14.76 -9.29
CA PRO A 142 5.05 -16.12 -8.71
C PRO A 142 4.09 -17.14 -9.27
N GLU A 143 4.61 -18.32 -9.54
CA GLU A 143 3.81 -19.34 -10.12
C GLU A 143 2.62 -19.69 -9.24
N PHE A 144 2.78 -19.63 -7.88
CA PHE A 144 1.66 -20.00 -7.02
C PHE A 144 0.47 -19.05 -7.13
N ALA A 145 0.57 -17.89 -7.85
CA ALA A 145 -0.59 -17.01 -7.99
C ALA A 145 -0.76 -16.59 -9.45
N ARG A 146 -0.11 -17.25 -10.40
CA ARG A 146 -0.11 -16.82 -11.78
C ARG A 146 -1.47 -17.03 -12.43
N GLU A 147 -2.00 -18.26 -12.38
CA GLU A 147 -3.28 -18.48 -13.02
C GLU A 147 -4.36 -17.60 -12.37
N LEU A 148 -4.35 -17.39 -11.05
CA LEU A 148 -5.41 -16.59 -10.44
C LEU A 148 -5.34 -15.16 -10.96
N PHE A 149 -4.13 -14.55 -10.98
CA PHE A 149 -4.08 -13.15 -11.43
C PHE A 149 -4.27 -13.03 -12.93
N GLN A 150 -3.94 -14.05 -13.73
CA GLN A 150 -4.31 -14.04 -15.14
C GLN A 150 -5.83 -14.06 -15.28
N ALA A 151 -6.51 -14.84 -14.43
CA ALA A 151 -7.99 -14.85 -14.51
C ALA A 151 -8.60 -13.51 -14.11
N PHE A 152 -8.00 -12.87 -13.07
CA PHE A 152 -8.49 -11.55 -12.64
C PHE A 152 -8.49 -10.56 -13.82
N ARG A 153 -7.50 -10.72 -14.74
CA ARG A 153 -7.34 -9.83 -15.86
C ARG A 153 -7.96 -10.39 -17.13
N THR A 154 -8.85 -11.40 -17.01
CA THR A 154 -9.54 -11.97 -18.17
C THR A 154 -10.96 -11.43 -18.19
N ALA A 155 -11.42 -10.97 -19.36
CA ALA A 155 -12.76 -10.40 -19.50
C ALA A 155 -13.78 -11.37 -18.89
N ASP A 156 -14.74 -10.85 -18.12
CA ASP A 156 -15.87 -11.58 -17.55
CA ASP A 156 -15.89 -11.52 -17.51
C ASP A 156 -15.42 -12.39 -16.35
N VAL A 157 -14.45 -13.31 -16.57
CA VAL A 157 -13.94 -14.23 -15.55
CA VAL A 157 -14.05 -14.22 -15.49
C VAL A 157 -13.47 -13.45 -14.30
N GLY A 158 -12.67 -12.41 -14.53
CA GLY A 158 -12.08 -11.72 -13.38
C GLY A 158 -13.14 -11.05 -12.53
N ARG A 159 -14.19 -10.47 -13.13
CA ARG A 159 -15.25 -9.85 -12.36
CA ARG A 159 -15.28 -9.84 -12.40
C ARG A 159 -16.05 -10.91 -11.63
N GLU A 160 -16.28 -12.09 -12.26
CA GLU A 160 -16.98 -13.13 -11.52
C GLU A 160 -16.20 -13.55 -10.25
N LEU A 161 -14.89 -13.65 -10.38
CA LEU A 161 -14.11 -13.97 -9.20
C LEU A 161 -14.11 -12.86 -8.17
N ILE A 162 -13.76 -11.63 -8.59
CA ILE A 162 -13.49 -10.59 -7.59
C ILE A 162 -14.80 -9.93 -7.08
N ILE A 163 -15.73 -9.61 -8.00
CA ILE A 163 -16.99 -8.99 -7.64
C ILE A 163 -17.95 -10.04 -7.04
N ASP A 164 -18.23 -11.14 -7.76
CA ASP A 164 -19.30 -12.01 -7.32
C ASP A 164 -18.79 -12.92 -6.21
N GLN A 165 -17.55 -13.45 -6.28
CA GLN A 165 -17.07 -14.41 -5.29
CA GLN A 165 -17.08 -14.40 -5.27
C GLN A 165 -16.20 -13.75 -4.21
N ASN A 166 -15.93 -12.43 -4.36
N ASN A 166 -15.93 -12.42 -4.36
CA ASN A 166 -15.10 -11.73 -3.38
CA ASN A 166 -15.10 -11.71 -3.40
C ASN A 166 -13.70 -12.32 -3.26
C ASN A 166 -13.71 -12.31 -3.27
N ALA A 167 -13.11 -12.76 -4.38
CA ALA A 167 -11.85 -13.52 -4.32
C ALA A 167 -10.68 -12.67 -3.79
N PHE A 168 -10.70 -11.36 -3.95
CA PHE A 168 -9.50 -10.63 -3.50
C PHE A 168 -9.43 -10.67 -1.95
N ILE A 169 -10.61 -10.61 -1.31
CA ILE A 169 -10.68 -10.70 0.15
C ILE A 169 -10.52 -12.15 0.57
N GLU A 170 -11.31 -13.07 -0.03
CA GLU A 170 -11.42 -14.40 0.53
C GLU A 170 -10.27 -15.30 0.08
N GLN A 171 -9.67 -15.05 -1.08
CA GLN A 171 -8.60 -15.92 -1.58
C GLN A 171 -7.24 -15.23 -1.46
N VAL A 172 -7.11 -13.99 -1.94
CA VAL A 172 -5.78 -13.41 -2.02
C VAL A 172 -5.18 -13.08 -0.66
N LEU A 173 -5.96 -12.53 0.27
CA LEU A 173 -5.42 -12.24 1.60
C LEU A 173 -4.81 -13.44 2.26
N PRO A 174 -5.49 -14.61 2.42
CA PRO A 174 -4.82 -15.74 3.07
C PRO A 174 -3.66 -16.27 2.27
N LYS A 175 -3.78 -16.21 0.94
CA LYS A 175 -2.71 -16.76 0.09
CA LYS A 175 -2.72 -16.74 0.10
C LYS A 175 -1.41 -15.99 0.31
N PHE A 176 -1.53 -14.67 0.64
CA PHE A 176 -0.39 -13.76 0.65
C PHE A 176 0.03 -13.33 2.05
N VAL A 177 -0.41 -14.04 3.05
CA VAL A 177 0.04 -13.92 4.44
CA VAL A 177 0.09 -13.92 4.42
C VAL A 177 0.63 -15.30 4.80
N VAL A 178 1.86 -15.35 5.34
CA VAL A 178 2.47 -16.66 5.66
C VAL A 178 1.73 -17.29 6.81
N ARG A 179 1.51 -16.57 7.92
CA ARG A 179 0.84 -17.17 9.04
C ARG A 179 -0.68 -17.26 8.75
N PRO A 180 -1.43 -18.00 9.58
CA PRO A 180 -2.89 -18.02 9.37
C PRO A 180 -3.48 -16.71 9.90
N LEU A 181 -4.38 -16.10 9.13
CA LEU A 181 -5.19 -14.99 9.62
C LEU A 181 -6.33 -15.50 10.46
N THR A 182 -6.75 -14.73 11.45
CA THR A 182 -7.84 -15.11 12.34
C THR A 182 -9.17 -14.65 11.72
N GLU A 183 -10.27 -15.22 12.23
CA GLU A 183 -11.61 -14.81 11.78
C GLU A 183 -11.87 -13.34 12.08
N VAL A 184 -11.44 -12.87 13.27
CA VAL A 184 -11.65 -11.47 13.57
C VAL A 184 -10.93 -10.59 12.53
N GLU A 185 -9.70 -10.94 12.16
CA GLU A 185 -8.97 -10.16 11.15
C GLU A 185 -9.70 -10.17 9.82
N MET A 186 -10.07 -11.38 9.39
CA MET A 186 -10.82 -11.50 8.13
C MET A 186 -12.07 -10.65 8.15
N ASP A 187 -12.82 -10.65 9.25
CA ASP A 187 -14.04 -9.86 9.31
C ASP A 187 -13.75 -8.35 9.24
N HIS A 188 -12.63 -7.88 9.80
CA HIS A 188 -12.24 -6.48 9.59
C HIS A 188 -12.02 -6.22 8.10
N TYR A 189 -11.30 -7.11 7.42
CA TYR A 189 -11.03 -6.87 6.01
C TYR A 189 -12.30 -6.98 5.17
N ARG A 190 -13.26 -7.83 5.60
CA ARG A 190 -14.50 -7.98 4.82
C ARG A 190 -15.41 -6.76 4.96
N GLU A 191 -15.32 -6.01 6.07
CA GLU A 191 -16.38 -5.05 6.43
C GLU A 191 -16.69 -4.08 5.28
N PRO A 192 -15.73 -3.49 4.55
CA PRO A 192 -16.08 -2.46 3.54
C PRO A 192 -16.76 -3.06 2.32
N PHE A 193 -16.73 -4.40 2.14
CA PHE A 193 -17.07 -4.99 0.85
C PHE A 193 -18.18 -6.01 0.99
N LEU A 194 -18.99 -5.89 2.05
CA LEU A 194 -20.13 -6.80 2.24
C LEU A 194 -21.10 -6.82 1.03
N LYS A 195 -21.25 -5.65 0.39
CA LYS A 195 -22.11 -5.56 -0.80
C LYS A 195 -21.28 -5.75 -2.06
N PRO A 196 -21.61 -6.71 -2.96
CA PRO A 196 -20.77 -7.00 -4.11
C PRO A 196 -20.47 -5.76 -4.95
N VAL A 197 -21.48 -4.87 -5.13
CA VAL A 197 -21.22 -3.73 -6.01
C VAL A 197 -20.03 -2.89 -5.55
N ASP A 198 -19.78 -2.93 -4.25
CA ASP A 198 -18.73 -2.08 -3.68
C ASP A 198 -17.33 -2.64 -3.92
N ARG A 199 -17.23 -3.79 -4.54
CA ARG A 199 -15.95 -4.44 -4.82
C ARG A 199 -15.26 -3.92 -6.07
N GLU A 200 -15.85 -2.93 -6.77
CA GLU A 200 -15.22 -2.41 -7.99
C GLU A 200 -13.72 -2.09 -7.84
N PRO A 201 -13.26 -1.34 -6.81
CA PRO A 201 -11.82 -1.02 -6.74
C PRO A 201 -10.95 -2.28 -6.67
N LEU A 202 -11.50 -3.36 -6.06
CA LEU A 202 -10.73 -4.58 -5.86
C LEU A 202 -10.43 -5.27 -7.19
N TRP A 203 -11.36 -5.09 -8.17
CA TRP A 203 -11.21 -5.63 -9.49
C TRP A 203 -10.39 -4.72 -10.40
N ARG A 204 -10.59 -3.40 -10.30
CA ARG A 204 -9.86 -2.52 -11.18
C ARG A 204 -8.37 -2.59 -10.87
N PHE A 205 -8.01 -2.68 -9.57
CA PHE A 205 -6.60 -2.63 -9.20
C PHE A 205 -5.75 -3.71 -9.91
N PRO A 206 -6.12 -5.03 -9.89
CA PRO A 206 -5.25 -5.99 -10.57
C PRO A 206 -5.25 -5.78 -12.08
N ASN A 207 -6.32 -5.21 -12.63
CA ASN A 207 -6.37 -4.86 -14.04
C ASN A 207 -5.54 -3.61 -14.37
N GLU A 208 -5.04 -2.89 -13.36
CA GLU A 208 -4.12 -1.77 -13.55
C GLU A 208 -2.65 -2.20 -13.43
N LEU A 209 -2.39 -3.44 -12.91
CA LEU A 209 -1.00 -3.78 -12.67
C LEU A 209 -0.20 -3.68 -13.96
N PRO A 210 1.07 -3.22 -13.88
CA PRO A 210 1.85 -3.05 -15.12
C PRO A 210 2.55 -4.35 -15.48
N ILE A 211 1.86 -5.14 -16.33
CA ILE A 211 2.35 -6.49 -16.67
C ILE A 211 2.47 -6.58 -18.20
N ALA A 212 3.68 -6.94 -18.66
CA ALA A 212 3.85 -7.18 -20.10
C ALA A 212 3.44 -5.97 -20.93
N GLY A 213 3.71 -4.78 -20.37
CA GLY A 213 3.49 -3.55 -21.09
C GLY A 213 2.07 -3.02 -21.07
N GLU A 214 1.14 -3.65 -20.31
CA GLU A 214 -0.21 -3.10 -20.31
C GLU A 214 -0.76 -3.14 -18.89
N PRO A 215 -1.63 -2.16 -18.54
CA PRO A 215 -1.99 -1.03 -19.42
C PRO A 215 -0.84 -0.03 -19.55
N ALA A 216 -0.67 0.48 -20.80
CA ALA A 216 0.49 1.29 -21.13
C ALA A 216 0.59 2.54 -20.24
N ASN A 217 -0.55 3.17 -19.89
CA ASN A 217 -0.44 4.37 -19.07
C ASN A 217 0.25 4.08 -17.73
N ILE A 218 -0.14 2.95 -17.10
CA ILE A 218 0.40 2.61 -15.81
C ILE A 218 1.87 2.22 -15.95
N VAL A 219 2.19 1.42 -16.97
CA VAL A 219 3.60 1.07 -17.20
C VAL A 219 4.43 2.36 -17.26
N ALA A 220 3.98 3.34 -18.05
CA ALA A 220 4.80 4.55 -18.23
C ALA A 220 4.93 5.31 -16.89
N LEU A 221 3.88 5.41 -16.08
N LEU A 221 3.82 5.39 -16.13
CA LEU A 221 3.97 6.22 -14.86
CA LEU A 221 3.76 6.09 -14.85
C LEU A 221 4.85 5.46 -13.84
C LEU A 221 4.76 5.46 -13.88
N VAL A 222 4.74 4.12 -13.81
CA VAL A 222 5.57 3.38 -12.89
C VAL A 222 7.05 3.46 -13.32
N GLU A 223 7.30 3.31 -14.62
CA GLU A 223 8.68 3.49 -15.09
C GLU A 223 9.20 4.86 -14.68
N ALA A 224 8.36 5.90 -14.79
CA ALA A 224 8.82 7.26 -14.45
C ALA A 224 9.16 7.37 -12.97
N TYR A 225 8.28 6.84 -12.07
CA TYR A 225 8.63 6.98 -10.66
C TYR A 225 9.81 6.07 -10.28
N MET A 226 10.01 4.95 -10.97
CA MET A 226 11.16 4.10 -10.64
C MET A 226 12.44 4.79 -11.09
N ASN A 227 12.40 5.45 -12.26
CA ASN A 227 13.59 6.18 -12.67
C ASN A 227 13.90 7.25 -11.60
N TRP A 228 12.83 7.99 -11.18
CA TRP A 228 13.04 8.97 -10.13
C TRP A 228 13.65 8.35 -8.84
N LEU A 229 13.12 7.20 -8.41
CA LEU A 229 13.57 6.62 -7.17
C LEU A 229 15.03 6.16 -7.27
N HIS A 230 15.42 5.60 -8.44
CA HIS A 230 16.80 5.17 -8.60
C HIS A 230 17.78 6.34 -8.59
N GLN A 231 17.30 7.57 -8.89
CA GLN A 231 18.18 8.72 -8.92
C GLN A 231 18.11 9.56 -7.66
N SER A 232 17.19 9.23 -6.74
N SER A 232 17.05 9.43 -6.86
CA SER A 232 16.84 10.15 -5.69
CA SER A 232 16.79 10.34 -5.77
C SER A 232 17.73 9.96 -4.49
C SER A 232 17.75 10.02 -4.62
N PRO A 233 18.21 11.05 -3.89
CA PRO A 233 19.00 10.86 -2.68
C PRO A 233 18.17 10.64 -1.42
N VAL A 234 16.82 10.69 -1.51
CA VAL A 234 15.99 10.58 -0.32
C VAL A 234 16.34 9.32 0.50
N PRO A 235 16.37 9.34 1.85
CA PRO A 235 16.57 8.09 2.60
C PRO A 235 15.46 7.09 2.30
N LYS A 236 15.83 5.82 2.18
CA LYS A 236 14.90 4.75 1.90
C LYS A 236 15.14 3.60 2.87
N LEU A 237 14.03 2.96 3.25
CA LEU A 237 14.06 1.80 4.13
C LEU A 237 13.17 0.74 3.46
N LEU A 238 13.78 -0.39 3.04
CA LEU A 238 13.06 -1.37 2.26
C LEU A 238 12.91 -2.66 3.08
N PHE A 239 11.68 -3.05 3.39
CA PHE A 239 11.41 -4.31 4.08
C PHE A 239 11.08 -5.36 3.05
N TRP A 240 11.56 -6.61 3.26
CA TRP A 240 11.32 -7.70 2.32
C TRP A 240 11.22 -8.98 3.14
N GLY A 241 10.57 -9.98 2.52
CA GLY A 241 10.52 -11.33 3.15
C GLY A 241 10.78 -12.40 2.07
N THR A 242 10.83 -13.62 2.59
CA THR A 242 11.08 -14.81 1.72
C THR A 242 9.83 -15.64 1.66
N PRO A 243 9.26 -15.95 0.48
CA PRO A 243 9.84 -15.68 -0.84
C PRO A 243 9.37 -14.39 -1.50
N GLY A 244 8.50 -13.61 -0.80
CA GLY A 244 7.95 -12.38 -1.41
C GLY A 244 6.94 -12.68 -2.50
N VAL A 245 6.38 -11.62 -3.10
CA VAL A 245 5.47 -11.73 -4.23
C VAL A 245 5.94 -10.77 -5.30
N LEU A 246 5.88 -9.45 -5.00
CA LEU A 246 6.38 -8.47 -5.96
C LEU A 246 7.89 -8.29 -5.90
N ILE A 247 8.48 -8.53 -4.74
CA ILE A 247 9.90 -8.25 -4.51
CA ILE A 247 9.92 -8.30 -4.56
C ILE A 247 10.51 -9.53 -3.94
N PRO A 248 11.06 -10.41 -4.77
CA PRO A 248 11.73 -11.61 -4.19
C PRO A 248 13.05 -11.20 -3.57
N PRO A 249 13.62 -12.08 -2.71
CA PRO A 249 14.84 -11.73 -1.99
C PRO A 249 15.98 -11.25 -2.90
N ALA A 250 16.16 -11.89 -4.06
CA ALA A 250 17.27 -11.45 -4.92
C ALA A 250 17.08 -10.04 -5.43
N GLU A 251 15.82 -9.67 -5.67
CA GLU A 251 15.57 -8.29 -6.12
C GLU A 251 15.74 -7.30 -4.97
N ALA A 252 15.35 -7.64 -3.76
CA ALA A 252 15.58 -6.75 -2.60
C ALA A 252 17.11 -6.52 -2.47
N ALA A 253 17.93 -7.57 -2.69
CA ALA A 253 19.38 -7.42 -2.59
C ALA A 253 19.89 -6.52 -3.71
N ARG A 254 19.32 -6.61 -4.91
CA ARG A 254 19.78 -5.72 -5.97
C ARG A 254 19.35 -4.28 -5.66
N LEU A 255 18.16 -4.09 -5.09
CA LEU A 255 17.68 -2.73 -4.81
C LEU A 255 18.51 -2.10 -3.70
N ALA A 256 19.08 -2.92 -2.82
CA ALA A 256 19.94 -2.38 -1.77
C ALA A 256 21.10 -1.60 -2.40
N GLU A 257 21.47 -1.96 -3.63
CA GLU A 257 22.53 -1.22 -4.34
C GLU A 257 21.91 -0.20 -5.31
N SER A 258 20.85 -0.54 -6.02
CA SER A 258 20.41 0.29 -7.12
C SER A 258 19.50 1.47 -6.67
N LEU A 259 19.12 1.50 -5.36
CA LEU A 259 18.44 2.67 -4.79
C LEU A 259 19.44 3.40 -3.89
N PRO A 260 19.62 4.73 -4.08
CA PRO A 260 20.54 5.45 -3.21
C PRO A 260 20.08 5.51 -1.75
N ASN A 261 21.08 5.43 -0.85
N ASN A 261 20.98 5.62 -0.78
CA ASN A 261 20.87 5.69 0.56
CA ASN A 261 20.58 5.89 0.60
C ASN A 261 19.72 4.84 1.13
C ASN A 261 19.55 4.86 1.08
N CYS A 262 19.77 3.56 0.81
CA CYS A 262 18.74 2.58 1.08
C CYS A 262 19.24 1.59 2.16
N LYS A 263 18.36 1.31 3.12
N LYS A 263 18.63 1.51 3.33
CA LYS A 263 18.65 0.36 4.18
CA LYS A 263 18.76 0.38 4.25
C LYS A 263 17.61 -0.74 4.04
C LYS A 263 17.74 -0.71 3.90
N THR A 264 18.03 -2.01 4.05
CA THR A 264 17.07 -3.11 3.88
C THR A 264 16.87 -3.83 5.21
N VAL A 265 15.67 -4.43 5.32
CA VAL A 265 15.31 -5.14 6.54
C VAL A 265 14.64 -6.43 6.11
N ASP A 266 15.22 -7.57 6.51
CA ASP A 266 14.67 -8.89 6.27
C ASP A 266 13.65 -9.25 7.36
N ILE A 267 12.37 -9.34 7.01
CA ILE A 267 11.35 -9.61 8.04
C ILE A 267 11.17 -11.07 8.36
N GLY A 268 11.91 -11.94 7.67
CA GLY A 268 11.70 -13.39 7.80
C GLY A 268 10.74 -13.88 6.73
N PRO A 269 10.01 -14.97 7.00
CA PRO A 269 9.09 -15.46 5.99
C PRO A 269 8.06 -14.37 5.68
N GLY A 270 7.75 -14.21 4.43
CA GLY A 270 6.75 -13.22 4.03
C GLY A 270 6.40 -13.39 2.58
N LEU A 271 5.18 -13.01 2.22
CA LEU A 271 4.65 -13.12 0.86
C LEU A 271 4.40 -11.67 0.39
N HIS A 272 3.13 -11.25 0.47
CA HIS A 272 2.83 -9.83 0.05
C HIS A 272 2.45 -8.94 1.22
N TYR A 273 1.58 -9.35 2.10
CA TYR A 273 1.13 -8.47 3.23
C TYR A 273 2.08 -8.68 4.39
N LEU A 274 3.29 -8.15 4.19
CA LEU A 274 4.37 -8.37 5.17
C LEU A 274 4.00 -7.86 6.55
N GLN A 275 3.12 -6.79 6.58
CA GLN A 275 2.65 -6.20 7.86
C GLN A 275 1.91 -7.19 8.71
N GLU A 276 1.34 -8.25 8.12
CA GLU A 276 0.61 -9.23 8.90
C GLU A 276 1.55 -10.31 9.42
N ASP A 277 2.76 -10.45 8.85
CA ASP A 277 3.70 -11.48 9.32
C ASP A 277 4.69 -10.96 10.33
N ASN A 278 5.17 -9.71 10.19
CA ASN A 278 6.12 -9.18 11.20
C ASN A 278 5.92 -7.69 11.42
N PRO A 279 4.74 -7.32 11.97
CA PRO A 279 4.49 -5.88 12.21
C PRO A 279 5.48 -5.31 13.21
N ASP A 280 5.93 -6.08 14.20
CA ASP A 280 6.75 -5.45 15.23
C ASP A 280 8.11 -5.06 14.68
N LEU A 281 8.71 -5.88 13.80
CA LEU A 281 9.99 -5.44 13.24
C LEU A 281 9.80 -4.30 12.26
N ILE A 282 8.70 -4.31 11.49
CA ILE A 282 8.48 -3.16 10.59
C ILE A 282 8.31 -1.88 11.40
N GLY A 283 7.51 -1.94 12.47
CA GLY A 283 7.31 -0.69 13.26
C GLY A 283 8.59 -0.30 13.99
N SER A 284 9.29 -1.25 14.62
CA SER A 284 10.48 -0.88 15.37
C SER A 284 11.57 -0.32 14.48
N GLU A 285 11.76 -0.91 13.28
CA GLU A 285 12.80 -0.42 12.40
C GLU A 285 12.41 0.94 11.81
N ILE A 286 11.13 1.16 11.50
CA ILE A 286 10.76 2.52 11.07
C ILE A 286 11.08 3.52 12.18
N ALA A 287 10.70 3.17 13.44
CA ALA A 287 10.95 4.10 14.56
C ALA A 287 12.42 4.39 14.72
N ARG A 288 13.29 3.39 14.52
CA ARG A 288 14.73 3.56 14.72
C ARG A 288 15.31 4.42 13.59
N TRP A 289 14.77 4.32 12.37
CA TRP A 289 15.27 5.05 11.20
C TRP A 289 14.77 6.51 11.16
N LEU A 290 13.62 6.82 11.72
CA LEU A 290 13.07 8.21 11.60
C LEU A 290 13.98 9.28 12.17
N PRO A 291 14.59 9.15 13.39
CA PRO A 291 15.32 10.31 13.93
C PRO A 291 16.44 10.84 13.03
N ALA A 292 17.04 9.97 12.19
CA ALA A 292 18.19 10.47 11.45
C ALA A 292 17.85 11.12 10.11
N LEU A 293 16.57 11.21 9.79
N LEU A 293 16.53 11.14 9.79
CA LEU A 293 16.09 11.92 8.60
CA LEU A 293 15.96 11.79 8.61
C LEU A 293 16.48 13.42 8.63
C LEU A 293 15.95 13.33 8.79
CA ETA B . -0.72 -8.36 -5.84
N ETA B . -1.36 -8.42 -4.55
C ETA B . -0.19 -7.09 -6.20
O ETA B . -1.13 -6.03 -5.86
CL CL C . -3.86 -5.62 -7.27
#